data_1YSV
#
_entry.id   1YSV
#
_entity_poly.entity_id   1
_entity_poly.type   'polyribonucleotide'
_entity_poly.pdbx_seq_one_letter_code
;GGUAACAAUAUGCUAAAUGUUGUUACC
;
_entity_poly.pdbx_strand_id   A
#
loop_
_chem_comp.id
_chem_comp.type
_chem_comp.name
_chem_comp.formula
A RNA linking ADENOSINE-5'-MONOPHOSPHATE 'C10 H14 N5 O7 P'
C RNA linking CYTIDINE-5'-MONOPHOSPHATE 'C9 H14 N3 O8 P'
G RNA linking GUANOSINE-5'-MONOPHOSPHATE 'C10 H14 N5 O8 P'
U RNA linking URIDINE-5'-MONOPHOSPHATE 'C9 H13 N2 O9 P'
#